data_8BX3
#
_entry.id   8BX3
#
_cell.length_a   81.920
_cell.length_b   112.508
_cell.length_c   62.491
_cell.angle_alpha   90.00
_cell.angle_beta   90.00
_cell.angle_gamma   90.00
#
_symmetry.space_group_name_H-M   'C 2 2 21'
#
loop_
_entity.id
_entity.type
_entity.pdbx_description
1 polymer '14-3-3 protein sigma'
2 polymer 'ERalpha peptide'
3 non-polymer 'MAGNESIUM ION'
4 non-polymer 2-(4-bromanylphenoxy)-~{N}-[3-(5-carbamimidoylthiophen-3-yl)phenyl]-2-methyl-propanamide
5 water water
#
loop_
_entity_poly.entity_id
_entity_poly.type
_entity_poly.pdbx_seq_one_letter_code
_entity_poly.pdbx_strand_id
1 'polypeptide(L)'
;GAMGSMERASLIQKAKLAEQAERYEDMAAFMKGAVEKGEELSCEERNLLSVAYKNVVGGQRAAWRVLSSIEQKSNEEGSE
EKGPEVREYREKVETELQGVCDTVLGLLDSHLIKEAGDAESRVFYLKMKGDYYRYLAEVATGDDKKRIIDSARSAYQEAM
DISKKEMPPTNPIRLGLALNFSVFHYEIANSPEEAISLAKTTFDEAMADLHTLSEDSYKDSTLIMQLLRDNLTLWT
;
A
2 'polypeptide(L)' FPA(TPO)V B
#
loop_
_chem_comp.id
_chem_comp.type
_chem_comp.name
_chem_comp.formula
MG non-polymer 'MAGNESIUM ION' 'Mg 2'
RZL non-polymer 2-(4-bromanylphenoxy)-~{N}-[3-(5-carbamimidoylthiophen-3-yl)phenyl]-2-methyl-propanamide 'C21 H20 Br N3 O2 S'
#
# COMPACT_ATOMS: atom_id res chain seq x y z
N GLY A 1 7.84 -5.01 23.04
CA GLY A 1 6.56 -5.37 22.38
C GLY A 1 5.56 -5.98 23.34
N ALA A 2 4.37 -5.37 23.39
CA ALA A 2 3.30 -5.91 24.22
C ALA A 2 2.84 -7.28 23.76
N MET A 3 3.22 -7.72 22.55
CA MET A 3 2.92 -9.07 22.07
C MET A 3 4.06 -10.05 22.31
N GLY A 4 5.14 -9.63 22.97
CA GLY A 4 6.29 -10.51 23.13
C GLY A 4 6.00 -11.79 23.89
N SER A 5 5.00 -11.78 24.77
CA SER A 5 4.69 -12.97 25.55
C SER A 5 3.70 -13.88 24.88
N MET A 6 3.14 -13.53 23.74
CA MET A 6 2.14 -14.37 23.09
C MET A 6 2.78 -15.21 22.00
N GLU A 7 2.39 -16.49 21.94
CA GLU A 7 2.89 -17.40 20.90
C GLU A 7 2.64 -16.86 19.50
N ARG A 8 3.60 -17.09 18.60
CA ARG A 8 3.42 -16.71 17.20
C ARG A 8 2.12 -17.26 16.63
N ALA A 9 1.84 -18.54 16.84
CA ALA A 9 0.64 -19.13 16.25
C ALA A 9 -0.62 -18.49 16.81
N SER A 10 -0.60 -18.12 18.10
CA SER A 10 -1.75 -17.47 18.72
C SER A 10 -1.96 -16.07 18.16
N LEU A 11 -0.88 -15.37 17.86
CA LEU A 11 -0.99 -14.05 17.26
C LEU A 11 -1.62 -14.14 15.88
N ILE A 12 -1.21 -15.13 15.08
CA ILE A 12 -1.81 -15.34 13.76
C ILE A 12 -3.28 -15.71 13.89
N GLN A 13 -3.61 -16.61 14.82
CA GLN A 13 -5.01 -16.97 15.02
C GLN A 13 -5.83 -15.75 15.40
N LYS A 14 -5.32 -14.94 16.32
CA LYS A 14 -6.09 -13.76 16.74
C LYS A 14 -6.16 -12.70 15.67
N ALA A 15 -5.14 -12.60 14.81
CA ALA A 15 -5.26 -11.69 13.67
C ALA A 15 -6.45 -12.09 12.80
N LYS A 16 -6.62 -13.38 12.54
CA LYS A 16 -7.74 -13.84 11.75
C LYS A 16 -9.07 -13.58 12.45
N LEU A 17 -9.13 -13.73 13.77
CA LEU A 17 -10.34 -13.40 14.51
C LEU A 17 -10.63 -11.91 14.45
N ALA A 18 -9.60 -11.08 14.61
CA ALA A 18 -9.77 -9.65 14.54
C ALA A 18 -10.31 -9.24 13.18
N GLU A 19 -9.83 -9.87 12.11
CA GLU A 19 -10.37 -9.57 10.78
C GLU A 19 -11.86 -9.90 10.72
N GLN A 20 -12.26 -11.07 11.21
CA GLN A 20 -13.67 -11.44 11.19
C GLN A 20 -14.52 -10.43 11.97
N ALA A 21 -13.97 -9.87 13.03
CA ALA A 21 -14.66 -8.89 13.86
C ALA A 21 -14.49 -7.46 13.36
N GLU A 22 -13.79 -7.27 12.23
CA GLU A 22 -13.54 -5.95 11.65
C GLU A 22 -12.80 -5.04 12.62
N ARG A 23 -11.86 -5.62 13.37
CA ARG A 23 -11.05 -4.93 14.36
C ARG A 23 -9.64 -4.84 13.78
N TYR A 24 -9.47 -3.93 12.82
CA TYR A 24 -8.23 -3.93 12.03
C TYR A 24 -7.05 -3.37 12.81
N GLU A 25 -7.27 -2.45 13.75
CA GLU A 25 -6.18 -2.01 14.58
C GLU A 25 -5.63 -3.18 15.41
N ASP A 26 -6.51 -3.97 16.00
CA ASP A 26 -6.03 -5.16 16.70
C ASP A 26 -5.32 -6.12 15.73
N MET A 27 -5.92 -6.34 14.55
CA MET A 27 -5.31 -7.23 13.56
C MET A 27 -3.87 -6.80 13.28
N ALA A 28 -3.67 -5.51 13.06
CA ALA A 28 -2.34 -5.02 12.75
C ALA A 28 -1.39 -5.21 13.92
N ALA A 29 -1.86 -4.96 15.15
CA ALA A 29 -1.01 -5.16 16.30
C ALA A 29 -0.62 -6.63 16.47
N PHE A 30 -1.55 -7.56 16.23
CA PHE A 30 -1.20 -8.97 16.30
C PHE A 30 -0.18 -9.34 15.23
N MET A 31 -0.36 -8.82 14.00
CA MET A 31 0.57 -9.15 12.93
C MET A 31 1.95 -8.53 13.16
N LYS A 32 1.99 -7.31 13.68
CA LYS A 32 3.27 -6.73 14.08
C LYS A 32 3.98 -7.63 15.10
N GLY A 33 3.23 -8.11 16.09
CA GLY A 33 3.83 -9.04 17.04
C GLY A 33 4.34 -10.30 16.37
N ALA A 34 3.59 -10.81 15.38
CA ALA A 34 4.03 -12.01 14.68
C ALA A 34 5.32 -11.75 13.91
N VAL A 35 5.40 -10.62 13.21
CA VAL A 35 6.61 -10.28 12.49
C VAL A 35 7.79 -10.19 13.46
N GLU A 36 7.57 -9.60 14.62
CA GLU A 36 8.65 -9.39 15.57
C GLU A 36 9.14 -10.68 16.21
N LYS A 37 8.48 -11.81 15.99
CA LYS A 37 9.06 -13.08 16.40
C LYS A 37 10.32 -13.41 15.62
N GLY A 38 10.52 -12.80 14.46
CA GLY A 38 11.78 -12.89 13.72
C GLY A 38 11.81 -13.94 12.63
N GLU A 39 10.79 -14.78 12.54
CA GLU A 39 10.73 -15.77 11.47
C GLU A 39 10.12 -15.13 10.22
N GLU A 40 10.49 -15.67 9.07
CA GLU A 40 9.87 -15.27 7.81
C GLU A 40 8.38 -15.55 7.84
N LEU A 41 7.64 -14.84 7.00
CA LEU A 41 6.19 -14.99 6.90
C LEU A 41 5.83 -15.85 5.71
N SER A 42 4.85 -16.73 5.89
CA SER A 42 4.29 -17.45 4.77
C SER A 42 3.45 -16.53 3.90
N CYS A 43 3.00 -17.05 2.77
CA CYS A 43 2.16 -16.27 1.87
C CYS A 43 0.91 -15.77 2.58
N GLU A 44 0.20 -16.66 3.29
CA GLU A 44 -1.01 -16.25 3.98
C GLU A 44 -0.69 -15.17 5.02
N GLU A 45 0.41 -15.35 5.75
CA GLU A 45 0.76 -14.41 6.81
C GLU A 45 1.13 -13.05 6.23
N ARG A 46 1.81 -13.01 5.08
CA ARG A 46 2.13 -11.74 4.45
C ARG A 46 0.85 -10.98 4.08
N ASN A 47 -0.15 -11.70 3.60
CA ASN A 47 -1.42 -11.06 3.24
C ASN A 47 -2.20 -10.64 4.46
N LEU A 48 -2.13 -11.37 5.57
CA LEU A 48 -2.74 -10.88 6.79
C LEU A 48 -2.10 -9.57 7.24
N LEU A 49 -0.78 -9.47 7.14
CA LEU A 49 -0.08 -8.25 7.53
C LEU A 49 -0.53 -7.09 6.66
N SER A 50 -0.54 -7.30 5.36
CA SER A 50 -0.91 -6.24 4.44
C SER A 50 -2.37 -5.83 4.58
N VAL A 51 -3.28 -6.79 4.71
CA VAL A 51 -4.70 -6.45 4.89
C VAL A 51 -4.90 -5.58 6.13
N ALA A 52 -4.25 -5.95 7.22
CA ALA A 52 -4.45 -5.24 8.47
C ALA A 52 -4.02 -3.79 8.34
N TYR A 53 -2.78 -3.56 7.91
CA TYR A 53 -2.29 -2.19 7.83
C TYR A 53 -2.95 -1.41 6.72
N LYS A 54 -3.34 -2.06 5.61
CA LYS A 54 -4.01 -1.32 4.56
C LYS A 54 -5.33 -0.75 5.07
N ASN A 55 -6.04 -1.52 5.87
CA ASN A 55 -7.30 -1.04 6.42
C ASN A 55 -7.08 0.08 7.43
N VAL A 56 -6.10 -0.07 8.31
CA VAL A 56 -5.82 1.00 9.27
C VAL A 56 -5.45 2.29 8.55
N VAL A 57 -4.44 2.23 7.68
CA VAL A 57 -3.97 3.45 7.03
C VAL A 57 -5.02 3.98 6.08
N GLY A 58 -5.82 3.09 5.47
CA GLY A 58 -6.86 3.57 4.58
C GLY A 58 -7.89 4.44 5.30
N GLY A 59 -8.23 4.05 6.53
CA GLY A 59 -9.12 4.88 7.31
C GLY A 59 -8.49 6.20 7.69
N GLN A 60 -7.21 6.19 8.02
CA GLN A 60 -6.50 7.43 8.35
C GLN A 60 -6.43 8.35 7.14
N ARG A 61 -6.14 7.79 5.96
CA ARG A 61 -6.08 8.59 4.75
C ARG A 61 -7.44 9.23 4.44
N ALA A 62 -8.51 8.46 4.58
CA ALA A 62 -9.83 9.03 4.32
C ALA A 62 -10.11 10.18 5.27
N ALA A 63 -9.75 10.02 6.54
CA ALA A 63 -9.99 11.08 7.52
C ALA A 63 -9.12 12.29 7.22
N TRP A 64 -7.86 12.07 6.90
CA TRP A 64 -6.96 13.16 6.53
C TRP A 64 -7.52 13.94 5.35
N ARG A 65 -8.08 13.26 4.36
CA ARG A 65 -8.59 13.97 3.20
C ARG A 65 -9.79 14.84 3.57
N VAL A 66 -10.68 14.32 4.42
CA VAL A 66 -11.82 15.10 4.87
C VAL A 66 -11.35 16.36 5.56
N LEU A 67 -10.40 16.21 6.49
CA LEU A 67 -9.92 17.33 7.28
C LEU A 67 -9.13 18.32 6.43
N SER A 68 -8.33 17.81 5.49
CA SER A 68 -7.60 18.71 4.61
C SER A 68 -8.53 19.53 3.74
N SER A 69 -9.62 18.92 3.30
CA SER A 69 -10.62 19.66 2.51
C SER A 69 -11.24 20.77 3.33
N ILE A 70 -11.64 20.46 4.57
CA ILE A 70 -12.21 21.47 5.45
C ILE A 70 -11.20 22.59 5.68
N GLU A 71 -9.94 22.22 5.89
CA GLU A 71 -8.88 23.20 6.14
C GLU A 71 -8.69 24.11 4.93
N GLN A 72 -8.69 23.52 3.73
CA GLN A 72 -8.54 24.30 2.50
C GLN A 72 -9.66 25.33 2.38
N LYS A 73 -10.90 24.91 2.58
CA LYS A 73 -12.02 25.85 2.50
C LYS A 73 -11.90 26.95 3.55
N SER A 74 -11.47 26.60 4.76
CA SER A 74 -11.33 27.60 5.81
C SER A 74 -10.37 28.71 5.40
N ASN A 75 -9.37 28.39 4.58
CA ASN A 75 -8.35 29.35 4.18
C ASN A 75 -8.63 30.00 2.82
N GLU A 76 -9.87 29.96 2.35
CA GLU A 76 -10.23 30.62 1.11
C GLU A 76 -10.67 32.06 1.39
N GLU A 77 -10.94 32.81 0.32
CA GLU A 77 -11.53 34.13 0.47
C GLU A 77 -12.99 34.01 0.89
N GLY A 78 -13.39 34.83 1.85
CA GLY A 78 -14.76 34.80 2.33
C GLY A 78 -14.86 34.25 3.74
N SER A 79 -14.22 33.10 3.98
CA SER A 79 -14.07 32.61 5.34
C SER A 79 -13.27 33.64 6.13
N GLU A 80 -13.79 34.01 7.32
CA GLU A 80 -13.11 35.00 8.13
C GLU A 80 -12.01 34.38 8.98
N GLU A 81 -12.38 33.39 9.80
CA GLU A 81 -11.44 32.66 10.65
C GLU A 81 -12.22 31.74 11.57
N LYS A 82 -11.66 30.57 11.90
CA LYS A 82 -12.25 29.72 12.93
C LYS A 82 -11.18 29.16 13.88
N GLY A 83 -9.99 29.76 13.91
CA GLY A 83 -8.97 29.40 14.86
C GLY A 83 -8.06 28.31 14.37
N PRO A 84 -7.16 27.84 15.24
CA PRO A 84 -6.18 26.83 14.86
C PRO A 84 -6.69 25.41 14.86
N GLU A 85 -7.95 25.18 15.24
CA GLU A 85 -8.41 23.83 15.56
C GLU A 85 -8.40 22.90 14.35
N VAL A 86 -8.81 23.37 13.18
CA VAL A 86 -8.84 22.48 12.02
C VAL A 86 -7.43 22.03 11.65
N ARG A 87 -6.50 22.98 11.59
CA ARG A 87 -5.11 22.62 11.33
C ARG A 87 -4.59 21.68 12.41
N GLU A 88 -4.88 21.96 13.68
CA GLU A 88 -4.35 21.13 14.75
C GLU A 88 -4.85 19.70 14.60
N TYR A 89 -6.14 19.55 14.33
CA TYR A 89 -6.70 18.19 14.27
C TYR A 89 -6.25 17.46 13.00
N ARG A 90 -6.17 18.16 11.87
CA ARG A 90 -5.56 17.56 10.68
C ARG A 90 -4.13 17.11 10.96
N GLU A 91 -3.36 17.93 11.68
CA GLU A 91 -1.99 17.56 12.06
C GLU A 91 -1.98 16.34 12.97
N LYS A 92 -2.93 16.25 13.91
CA LYS A 92 -2.97 15.09 14.79
C LYS A 92 -3.19 13.81 13.98
N VAL A 93 -4.18 13.83 13.09
CA VAL A 93 -4.44 12.66 12.25
C VAL A 93 -3.23 12.36 11.37
N GLU A 94 -2.64 13.40 10.80
CA GLU A 94 -1.47 13.24 9.95
C GLU A 94 -0.32 12.57 10.68
N THR A 95 -0.08 12.99 11.93
CA THR A 95 1.02 12.43 12.70
C THR A 95 0.76 10.97 13.02
N GLU A 96 -0.49 10.63 13.31
CA GLU A 96 -0.82 9.24 13.56
C GLU A 96 -0.65 8.39 12.31
N LEU A 97 -1.09 8.91 11.16
CA LEU A 97 -0.87 8.22 9.88
C LEU A 97 0.62 8.01 9.61
N GLN A 98 1.43 9.05 9.82
CA GLN A 98 2.87 8.91 9.60
C GLN A 98 3.44 7.87 10.53
N GLY A 99 2.94 7.81 11.77
CA GLY A 99 3.43 6.80 12.69
C GLY A 99 3.15 5.39 12.24
N VAL A 100 1.96 5.15 11.71
CA VAL A 100 1.63 3.82 11.17
C VAL A 100 2.52 3.49 9.98
N CYS A 101 2.70 4.45 9.05
CA CYS A 101 3.57 4.18 7.91
C CYS A 101 4.98 3.87 8.37
N ASP A 102 5.49 4.64 9.34
CA ASP A 102 6.84 4.41 9.85
C ASP A 102 6.93 3.04 10.50
N THR A 103 5.86 2.61 11.18
CA THR A 103 5.87 1.29 11.78
C THR A 103 5.97 0.20 10.72
N VAL A 104 5.17 0.30 9.66
CA VAL A 104 5.20 -0.71 8.62
C VAL A 104 6.56 -0.71 7.93
N LEU A 105 7.06 0.49 7.58
CA LEU A 105 8.37 0.57 6.95
C LEU A 105 9.43 0.00 7.85
N GLY A 106 9.29 0.19 9.16
CA GLY A 106 10.24 -0.39 10.09
C GLY A 106 10.23 -1.90 10.09
N LEU A 107 9.05 -2.50 10.02
CA LEU A 107 8.96 -3.95 9.94
C LEU A 107 9.60 -4.46 8.66
N LEU A 108 9.39 -3.74 7.55
CA LEU A 108 9.98 -4.17 6.29
C LEU A 108 11.50 -4.07 6.34
N ASP A 109 12.02 -3.04 7.01
CA ASP A 109 13.46 -2.84 7.10
C ASP A 109 14.10 -3.68 8.18
N SER A 110 13.32 -4.20 9.13
CA SER A 110 13.86 -4.94 10.28
C SER A 110 12.93 -6.12 10.59
N HIS A 111 13.02 -7.21 9.83
CA HIS A 111 14.02 -7.46 8.78
C HIS A 111 13.39 -8.23 7.61
N LEU A 112 12.15 -7.89 7.27
CA LEU A 112 11.42 -8.71 6.32
C LEU A 112 12.07 -8.70 4.93
N ILE A 113 12.43 -7.51 4.42
CA ILE A 113 12.94 -7.44 3.05
C ILE A 113 14.27 -8.18 2.93
N LYS A 114 15.18 -7.97 3.89
CA LYS A 114 16.52 -8.53 3.70
C LYS A 114 16.51 -10.06 3.73
N GLU A 115 15.53 -10.69 4.37
CA GLU A 115 15.44 -12.16 4.40
C GLU A 115 14.58 -12.72 3.28
N ALA A 116 13.96 -11.88 2.46
CA ALA A 116 13.02 -12.33 1.43
C ALA A 116 13.80 -12.57 0.13
N GLY A 117 13.91 -13.84 -0.24
CA GLY A 117 14.64 -14.23 -1.43
C GLY A 117 13.78 -14.67 -2.60
N ASP A 118 12.63 -15.27 -2.32
CA ASP A 118 11.76 -15.70 -3.39
C ASP A 118 11.03 -14.50 -3.98
N ALA A 119 10.73 -14.55 -5.27
CA ALA A 119 10.09 -13.38 -5.89
C ALA A 119 8.77 -13.05 -5.24
N GLU A 120 7.98 -14.06 -4.89
CA GLU A 120 6.65 -13.79 -4.36
C GLU A 120 6.70 -13.05 -3.04
N SER A 121 7.74 -13.30 -2.23
CA SER A 121 7.86 -12.56 -0.98
C SER A 121 8.53 -11.22 -1.20
N ARG A 122 9.65 -11.20 -1.94
CA ARG A 122 10.43 -9.99 -2.10
C ARG A 122 9.65 -8.91 -2.85
N VAL A 123 8.98 -9.29 -3.94
CA VAL A 123 8.17 -8.32 -4.68
C VAL A 123 7.05 -7.79 -3.81
N PHE A 124 6.39 -8.69 -3.07
CA PHE A 124 5.31 -8.28 -2.17
C PHE A 124 5.79 -7.22 -1.17
N TYR A 125 6.95 -7.46 -0.54
CA TYR A 125 7.41 -6.53 0.49
C TYR A 125 7.88 -5.21 -0.12
N LEU A 126 8.55 -5.26 -1.27
CA LEU A 126 8.99 -4.03 -1.91
C LEU A 126 7.80 -3.21 -2.41
N LYS A 127 6.75 -3.87 -2.89
CA LYS A 127 5.51 -3.17 -3.21
C LYS A 127 4.97 -2.46 -1.97
N MET A 128 4.92 -3.16 -0.83
CA MET A 128 4.48 -2.53 0.41
C MET A 128 5.34 -1.33 0.75
N LYS A 129 6.65 -1.46 0.59
CA LYS A 129 7.53 -0.33 0.89
C LYS A 129 7.19 0.86 0.01
N GLY A 130 6.96 0.63 -1.29
CA GLY A 130 6.53 1.72 -2.15
C GLY A 130 5.21 2.32 -1.73
N ASP A 131 4.26 1.46 -1.36
CA ASP A 131 2.94 1.91 -0.95
C ASP A 131 3.01 2.83 0.27
N TYR A 132 3.76 2.42 1.31
CA TYR A 132 3.79 3.19 2.57
C TYR A 132 4.59 4.47 2.40
N TYR A 133 5.64 4.47 1.55
CA TYR A 133 6.26 5.75 1.20
C TYR A 133 5.30 6.62 0.39
N ARG A 134 4.48 6.02 -0.47
CA ARG A 134 3.48 6.79 -1.21
C ARG A 134 2.49 7.45 -0.25
N TYR A 135 2.04 6.73 0.78
CA TYR A 135 1.14 7.34 1.76
C TYR A 135 1.83 8.47 2.52
N LEU A 136 3.11 8.30 2.87
CA LEU A 136 3.85 9.42 3.43
C LEU A 136 3.92 10.60 2.45
N ALA A 137 4.09 10.32 1.15
CA ALA A 137 4.21 11.40 0.17
C ALA A 137 2.91 12.15 0.02
N GLU A 138 1.78 11.48 0.21
CA GLU A 138 0.50 12.13 0.06
C GLU A 138 0.33 13.29 1.05
N VAL A 139 0.96 13.22 2.21
CA VAL A 139 0.83 14.25 3.24
C VAL A 139 2.08 15.10 3.39
N ALA A 140 3.12 14.83 2.61
CA ALA A 140 4.39 15.51 2.79
C ALA A 140 4.36 16.88 2.16
N THR A 141 5.06 17.83 2.81
CA THR A 141 5.16 19.21 2.32
C THR A 141 6.52 19.87 2.58
N GLY A 142 7.49 19.20 3.22
CA GLY A 142 8.68 19.84 3.71
C GLY A 142 9.94 19.53 2.91
N ASP A 143 11.09 19.83 3.54
CA ASP A 143 12.39 19.67 2.90
C ASP A 143 12.60 18.26 2.35
N ASP A 144 11.90 17.27 2.90
CA ASP A 144 12.12 15.86 2.59
C ASP A 144 11.11 15.30 1.60
N LYS A 145 10.19 16.12 1.10
CA LYS A 145 9.12 15.59 0.24
C LYS A 145 9.69 14.88 -0.99
N LYS A 146 10.66 15.51 -1.66
CA LYS A 146 11.21 14.88 -2.86
C LYS A 146 11.90 13.57 -2.52
N ARG A 147 12.57 13.50 -1.37
CA ARG A 147 13.23 12.27 -0.99
C ARG A 147 12.19 11.19 -0.65
N ILE A 148 11.05 11.57 -0.07
CA ILE A 148 10.01 10.57 0.22
C ILE A 148 9.47 10.01 -1.09
N ILE A 149 9.18 10.87 -2.06
CA ILE A 149 8.71 10.43 -3.37
C ILE A 149 9.73 9.51 -4.01
N ASP A 150 11.03 9.85 -3.93
CA ASP A 150 12.03 9.02 -4.56
C ASP A 150 12.19 7.69 -3.84
N SER A 151 11.96 7.65 -2.52
CA SER A 151 11.99 6.37 -1.82
C SER A 151 10.86 5.46 -2.29
N ALA A 152 9.67 6.02 -2.50
CA ALA A 152 8.58 5.22 -3.06
C ALA A 152 8.95 4.70 -4.44
N ARG A 153 9.42 5.60 -5.30
CA ARG A 153 9.77 5.22 -6.67
C ARG A 153 10.82 4.11 -6.67
N SER A 154 11.86 4.25 -5.85
CA SER A 154 12.94 3.28 -5.84
C SER A 154 12.45 1.90 -5.42
N ALA A 155 11.58 1.83 -4.41
CA ALA A 155 11.07 0.54 -3.97
C ALA A 155 10.20 -0.09 -5.04
N TYR A 156 9.30 0.70 -5.61
CA TYR A 156 8.45 0.18 -6.70
C TYR A 156 9.29 -0.28 -7.87
N GLN A 157 10.35 0.45 -8.20
CA GLN A 157 11.17 0.08 -9.36
C GLN A 157 11.91 -1.23 -9.13
N GLU A 158 12.47 -1.42 -7.92
CA GLU A 158 13.12 -2.70 -7.63
C GLU A 158 12.12 -3.85 -7.71
N ALA A 159 10.91 -3.63 -7.16
CA ALA A 159 9.88 -4.66 -7.25
C ALA A 159 9.52 -4.95 -8.70
N MET A 160 9.39 -3.90 -9.51
CA MET A 160 9.05 -4.07 -10.91
C MET A 160 10.12 -4.85 -11.63
N ASP A 161 11.38 -4.51 -11.40
CA ASP A 161 12.45 -5.22 -12.10
C ASP A 161 12.44 -6.71 -11.79
N ILE A 162 12.27 -7.07 -10.50
CA ILE A 162 12.21 -8.47 -10.12
C ILE A 162 10.98 -9.13 -10.72
N SER A 163 9.83 -8.47 -10.65
CA SER A 163 8.59 -9.07 -11.13
C SER A 163 8.66 -9.39 -12.61
N LYS A 164 9.27 -8.52 -13.40
CA LYS A 164 9.33 -8.76 -14.84
C LYS A 164 10.27 -9.92 -15.17
N LYS A 165 11.29 -10.14 -14.35
CA LYS A 165 12.24 -11.22 -14.59
C LYS A 165 11.75 -12.56 -14.06
N GLU A 166 10.99 -12.56 -12.95
CA GLU A 166 10.73 -13.77 -12.20
C GLU A 166 9.28 -14.22 -12.13
N MET A 167 8.33 -13.42 -12.61
CA MET A 167 6.93 -13.79 -12.52
C MET A 167 6.28 -13.68 -13.89
N PRO A 168 5.27 -14.51 -14.15
CA PRO A 168 4.51 -14.35 -15.39
C PRO A 168 3.70 -13.07 -15.36
N PRO A 169 3.32 -12.56 -16.53
CA PRO A 169 2.61 -11.27 -16.58
C PRO A 169 1.24 -11.30 -15.95
N THR A 170 0.69 -12.48 -15.67
CA THR A 170 -0.60 -12.58 -15.00
C THR A 170 -0.49 -12.75 -13.48
N ASN A 171 0.71 -12.85 -12.94
CA ASN A 171 0.82 -13.07 -11.50
C ASN A 171 0.13 -11.94 -10.76
N PRO A 172 -0.80 -12.21 -9.85
CA PRO A 172 -1.55 -11.12 -9.23
C PRO A 172 -0.71 -10.14 -8.45
N ILE A 173 0.42 -10.59 -7.88
CA ILE A 173 1.31 -9.65 -7.19
C ILE A 173 1.93 -8.69 -8.19
N ARG A 174 2.41 -9.23 -9.31
CA ARG A 174 2.95 -8.39 -10.37
C ARG A 174 1.91 -7.41 -10.87
N LEU A 175 0.66 -7.87 -11.03
CA LEU A 175 -0.40 -6.98 -11.50
C LEU A 175 -0.71 -5.90 -10.49
N GLY A 176 -0.82 -6.27 -9.21
CA GLY A 176 -1.13 -5.28 -8.20
C GLY A 176 -0.02 -4.26 -8.00
N LEU A 177 1.23 -4.71 -8.11
CA LEU A 177 2.37 -3.80 -8.08
C LEU A 177 2.26 -2.79 -9.20
N ALA A 178 2.00 -3.26 -10.43
CA ALA A 178 1.88 -2.35 -11.57
C ALA A 178 0.71 -1.39 -11.39
N LEU A 179 -0.42 -1.89 -10.91
CA LEU A 179 -1.57 -1.04 -10.63
C LEU A 179 -1.16 0.11 -9.71
N ASN A 180 -0.50 -0.22 -8.61
CA ASN A 180 -0.20 0.80 -7.62
C ASN A 180 0.92 1.73 -8.08
N PHE A 181 1.94 1.18 -8.78
CA PHE A 181 3.00 2.05 -9.29
C PHE A 181 2.45 3.01 -10.33
N SER A 182 1.49 2.54 -11.13
CA SER A 182 0.80 3.41 -12.07
C SER A 182 0.07 4.53 -11.34
N VAL A 183 -0.62 4.21 -10.25
CA VAL A 183 -1.25 5.27 -9.45
C VAL A 183 -0.22 6.23 -8.86
N PHE A 184 0.92 5.72 -8.38
CA PHE A 184 2.02 6.57 -7.94
C PHE A 184 2.38 7.57 -9.03
N HIS A 185 2.57 7.08 -10.27
CA HIS A 185 2.94 8.00 -11.34
C HIS A 185 1.88 9.07 -11.53
N TYR A 186 0.61 8.67 -11.50
CA TYR A 186 -0.48 9.61 -11.79
C TYR A 186 -0.67 10.63 -10.68
N GLU A 187 -0.71 10.17 -9.44
CA GLU A 187 -1.13 11.01 -8.30
C GLU A 187 0.02 11.63 -7.55
N ILE A 188 1.22 11.04 -7.58
CA ILE A 188 2.34 11.49 -6.77
C ILE A 188 3.41 12.15 -7.63
N ALA A 189 3.80 11.50 -8.73
CA ALA A 189 4.94 11.94 -9.53
C ALA A 189 4.55 12.85 -10.67
N ASN A 190 3.30 13.27 -10.76
CA ASN A 190 2.86 14.17 -11.82
C ASN A 190 3.22 13.63 -13.19
N SER A 191 3.04 12.33 -13.38
CA SER A 191 3.41 11.63 -14.61
C SER A 191 2.23 10.84 -15.14
N PRO A 192 1.15 11.50 -15.56
CA PRO A 192 -0.02 10.75 -16.03
C PRO A 192 0.28 9.90 -17.25
N GLU A 193 1.13 10.36 -18.17
CA GLU A 193 1.42 9.55 -19.34
C GLU A 193 2.12 8.24 -18.96
N GLU A 194 3.04 8.27 -18.01
CA GLU A 194 3.68 7.04 -17.54
C GLU A 194 2.67 6.15 -16.85
N ALA A 195 1.74 6.73 -16.08
CA ALA A 195 0.72 5.95 -15.42
C ALA A 195 -0.13 5.19 -16.42
N ILE A 196 -0.56 5.88 -17.47
CA ILE A 196 -1.42 5.29 -18.49
C ILE A 196 -0.66 4.25 -19.28
N SER A 197 0.57 4.55 -19.70
CA SER A 197 1.37 3.57 -20.43
C SER A 197 1.57 2.31 -19.62
N LEU A 198 1.93 2.45 -18.33
CA LEU A 198 2.17 1.28 -17.50
C LEU A 198 0.91 0.45 -17.34
N ALA A 199 -0.23 1.10 -17.09
CA ALA A 199 -1.47 0.34 -16.93
C ALA A 199 -1.83 -0.39 -18.22
N LYS A 200 -1.67 0.26 -19.36
CA LYS A 200 -2.07 -0.36 -20.63
C LYS A 200 -1.16 -1.53 -20.97
N THR A 201 0.15 -1.34 -20.89
CA THR A 201 1.08 -2.41 -21.21
C THR A 201 0.90 -3.59 -20.26
N THR A 202 0.69 -3.32 -18.97
CA THR A 202 0.45 -4.40 -18.01
C THR A 202 -0.80 -5.18 -18.39
N PHE A 203 -1.89 -4.48 -18.69
CA PHE A 203 -3.13 -5.14 -19.04
C PHE A 203 -2.95 -6.01 -20.28
N ASP A 204 -2.32 -5.47 -21.31
CA ASP A 204 -2.20 -6.18 -22.57
C ASP A 204 -1.30 -7.41 -22.43
N GLU A 205 -0.21 -7.30 -21.68
CA GLU A 205 0.65 -8.45 -21.50
C GLU A 205 -0.02 -9.52 -20.66
N ALA A 206 -0.84 -9.12 -19.70
CA ALA A 206 -1.59 -10.10 -18.93
C ALA A 206 -2.62 -10.80 -19.80
N MET A 207 -3.37 -10.03 -20.59
CA MET A 207 -4.36 -10.60 -21.49
C MET A 207 -3.76 -11.76 -22.28
N ALA A 208 -2.57 -11.54 -22.83
CA ALA A 208 -1.94 -12.51 -23.71
C ALA A 208 -1.48 -13.76 -22.98
N ASP A 209 -1.43 -13.76 -21.65
CA ASP A 209 -0.96 -14.89 -20.86
C ASP A 209 -2.10 -15.61 -20.16
N LEU A 210 -3.33 -15.09 -20.26
CA LEU A 210 -4.45 -15.73 -19.59
C LEU A 210 -4.66 -17.16 -20.07
N HIS A 211 -4.32 -17.46 -21.31
CA HIS A 211 -4.60 -18.78 -21.88
C HIS A 211 -3.85 -19.88 -21.15
N THR A 212 -2.82 -19.56 -20.38
CA THR A 212 -2.03 -20.55 -19.68
C THR A 212 -2.62 -20.95 -18.32
N LEU A 213 -3.69 -20.29 -17.89
CA LEU A 213 -4.13 -20.34 -16.51
C LEU A 213 -5.32 -21.28 -16.30
N SER A 214 -5.38 -21.83 -15.10
CA SER A 214 -6.57 -22.53 -14.64
C SER A 214 -7.71 -21.55 -14.43
N GLU A 215 -8.92 -22.10 -14.22
CA GLU A 215 -10.07 -21.23 -13.98
C GLU A 215 -9.86 -20.37 -12.74
N ASP A 216 -9.28 -20.94 -11.68
CA ASP A 216 -9.14 -20.16 -10.46
C ASP A 216 -8.07 -19.08 -10.61
N SER A 217 -6.96 -19.40 -11.26
CA SER A 217 -5.93 -18.38 -11.50
C SER A 217 -6.46 -17.29 -12.42
N TYR A 218 -7.23 -17.69 -13.43
CA TYR A 218 -7.85 -16.73 -14.34
C TYR A 218 -8.70 -15.74 -13.58
N LYS A 219 -9.48 -16.24 -12.62
CA LYS A 219 -10.34 -15.35 -11.84
C LYS A 219 -9.49 -14.34 -11.06
N ASP A 220 -8.41 -14.80 -10.44
CA ASP A 220 -7.57 -13.89 -9.66
C ASP A 220 -6.93 -12.83 -10.56
N SER A 221 -6.43 -13.24 -11.72
CA SER A 221 -5.73 -12.29 -12.57
C SER A 221 -6.68 -11.29 -13.20
N THR A 222 -7.84 -11.77 -13.68
CA THR A 222 -8.77 -10.86 -14.35
C THR A 222 -9.34 -9.85 -13.37
N LEU A 223 -9.46 -10.20 -12.08
CA LEU A 223 -9.91 -9.23 -11.08
C LEU A 223 -9.01 -8.01 -11.07
N ILE A 224 -7.70 -8.23 -11.03
CA ILE A 224 -6.78 -7.10 -10.98
C ILE A 224 -6.70 -6.41 -12.33
N MET A 225 -6.81 -7.17 -13.42
CA MET A 225 -6.85 -6.55 -14.74
C MET A 225 -8.03 -5.58 -14.84
N GLN A 226 -9.16 -5.91 -14.24
CA GLN A 226 -10.30 -5.01 -14.30
C GLN A 226 -10.02 -3.71 -13.56
N LEU A 227 -9.24 -3.75 -12.47
CA LEU A 227 -8.85 -2.51 -11.79
C LEU A 227 -7.95 -1.66 -12.68
N LEU A 228 -7.03 -2.28 -13.42
CA LEU A 228 -6.23 -1.53 -14.38
C LEU A 228 -7.12 -0.84 -15.40
N ARG A 229 -8.11 -1.57 -15.92
CA ARG A 229 -9.02 -1.00 -16.91
C ARG A 229 -9.84 0.12 -16.29
N ASP A 230 -10.26 -0.06 -15.04
CA ASP A 230 -11.05 0.99 -14.37
C ASP A 230 -10.25 2.28 -14.28
N ASN A 231 -8.97 2.17 -13.92
CA ASN A 231 -8.14 3.36 -13.84
C ASN A 231 -7.92 3.98 -15.22
N LEU A 232 -7.67 3.15 -16.23
CA LEU A 232 -7.52 3.68 -17.58
C LEU A 232 -8.77 4.42 -18.03
N THR A 233 -9.95 3.89 -17.69
CA THR A 233 -11.20 4.58 -18.04
C THR A 233 -11.29 5.91 -17.31
N LEU A 234 -10.87 5.95 -16.06
CA LEU A 234 -10.88 7.19 -15.30
C LEU A 234 -9.96 8.24 -15.92
N TRP A 235 -8.83 7.81 -16.49
CA TRP A 235 -7.75 8.71 -16.88
C TRP A 235 -7.78 9.08 -18.35
N THR A 236 -8.65 8.47 -19.14
CA THR A 236 -8.71 8.73 -20.56
C THR A 236 -10.17 8.97 -20.96
N PHE B 1 -11.18 8.52 -6.30
CA PHE B 1 -9.78 8.11 -6.33
C PHE B 1 -9.59 6.89 -7.20
N PRO B 2 -8.38 6.67 -7.70
CA PRO B 2 -8.11 5.48 -8.51
C PRO B 2 -7.94 4.24 -7.64
N ALA B 3 -8.05 3.08 -8.30
CA ALA B 3 -7.95 1.83 -7.59
C ALA B 3 -6.52 1.43 -7.29
N TPO B 4 -6.27 0.98 -6.06
CA TPO B 4 -5.02 0.37 -5.65
CB TPO B 4 -4.14 1.34 -4.83
CG2 TPO B 4 -3.67 2.50 -5.68
OG1 TPO B 4 -4.98 1.75 -3.73
P TPO B 4 -4.31 2.60 -2.51
O1P TPO B 4 -5.42 2.49 -1.37
O2P TPO B 4 -4.09 4.02 -2.94
O3P TPO B 4 -2.99 1.90 -2.08
C TPO B 4 -5.35 -0.89 -4.82
O TPO B 4 -6.48 -1.01 -4.30
HA TPO B 4 -4.49 0.13 -6.43
HB TPO B 4 -3.22 0.87 -4.47
HG21 TPO B 4 -3.13 2.12 -6.55
HG22 TPO B 4 -3.02 3.14 -5.09
HG23 TPO B 4 -4.53 3.07 -6.02
N VAL B 5 -4.41 -1.81 -4.73
CA VAL B 5 -4.62 -3.01 -3.94
C VAL B 5 -3.49 -3.32 -2.99
MG MG C . 8.21 0.74 -19.56
MG MG D . 6.85 -20.20 20.67
MG MG E . 2.75 17.52 9.88
C13 RZL F . -4.73 -13.57 0.00
C12 RZL F . -5.37 -12.57 -0.75
C18 RZL F . -7.21 -12.66 4.47
C02 RZL F . -1.83 -7.97 -4.19
C03 RZL F . -2.26 -8.41 -5.39
C04 RZL F . -3.59 -8.83 -5.53
C05 RZL F . -4.47 -8.76 -4.45
C07 RZL F . -6.79 -9.24 -3.64
C08 RZL F . -7.13 -7.82 -3.10
C09 RZL F . -6.27 -10.18 -2.47
C11 RZL F . -4.95 -12.38 -2.05
C14 RZL F . -5.17 -13.83 1.44
C15 RZL F . -4.75 -14.92 2.27
C17 RZL F . -6.30 -13.37 3.48
C21 RZL F . -6.10 -12.88 2.19
C22 RZL F . -3.69 -14.30 -0.51
C23 RZL F . -3.29 -14.08 -1.80
C24 RZL F . -3.92 -13.11 -2.56
C26 RZL F . -8.04 -9.87 -4.25
C27 RZL F . -4.01 -8.31 -3.21
C28 RZL F . -2.72 -7.90 -3.06
N10 RZL F . -5.54 -11.39 -2.93
N19 RZL F . -7.47 -13.27 5.76
N20 RZL F . -7.73 -11.53 4.10
O06 RZL F . -5.80 -9.21 -4.68
O25 RZL F . -6.45 -9.90 -1.31
S16 RZL F . -5.46 -14.75 3.73
BR1 RZL F . 0.01 -7.44 -4.00
H121 RZL F . -6.06 -12.07 -0.38
H031 RZL F . -1.68 -8.45 -6.11
H041 RZL F . -3.88 -9.15 -6.35
H083 RZL F . -8.05 -7.79 -2.80
H082 RZL F . -7.00 -7.16 -3.81
H081 RZL F . -6.55 -7.60 -2.35
H151 RZL F . -4.19 -15.60 2.01
H211 RZL F . -6.49 -12.11 1.83
H221 RZL F . -3.28 -14.94 0.02
H231 RZL F . -2.59 -14.58 -2.16
H241 RZL F . -3.64 -12.95 -3.44
H261 RZL F . -7.80 -10.73 -4.66
H263 RZL F . -8.41 -9.28 -4.92
H262 RZL F . -8.70 -10.03 -3.55
H271 RZL F . -4.58 -8.27 -2.49
H281 RZL F . -2.42 -7.59 -2.24
H101 RZL F . -5.46 -11.51 -3.77
H192 RZL F . -7.10 -14.02 5.96
H201 RZL F . -8.26 -11.08 4.62
H191 RZL F . -7.98 -12.87 6.34
#